data_7K30
#
_entry.id   7K30
#
_cell.length_a   152.700
_cell.length_b   152.700
_cell.length_c   118.170
_cell.angle_alpha   90.000
_cell.angle_beta   90.000
_cell.angle_gamma   120.000
#
_symmetry.space_group_name_H-M   'H 3'
#
loop_
_entity.id
_entity.type
_entity.pdbx_description
1 polymer 'Endonuclease Q'
2 polymer 'DNA (27-MER)'
3 polymer 'DNA (27-MER)'
4 non-polymer 'ZINC ION'
5 non-polymer 'MAGNESIUM ION'
6 non-polymer 1,2-ETHANEDIOL
7 water water
#
loop_
_entity_poly.entity_id
_entity_poly.type
_entity_poly.pdbx_seq_one_letter_code
_entity_poly.pdbx_strand_id
1 'polypeptide(L)'
;MIVDGDLHIHSHYSKAVSKLMTFPIIAENAKLKGLNLVGTGDSLNPHWEKELLKHSKPIDDGTFEVNGVKFILTCEVEDK
RRVHHLLIFPTLSQVREFREKVKIYSTNIESEGRPNLNLTAEEIAEMANELDILIGPAHAFTPWTSLYKEYDSLKDAYGD
AKIDFLELGLSADSDMADMIKAHHSIPYLSNSNAHSPNPHRLGREFNRFEVKDVTFEEIRKAIKGVGGRKIMLNAGLDPR
LGKYHLTACSRCYTKYTLQDAVSLSWKCPKCGGIIKKGVRDRILELADTSEKPKDRPPYVRLAPLAEIIAMVLGKGIESK
AVKLLWNRFLREFGSEIRVLIDLPIESIASVHEGVAKAIWAYRNNKLIIVPGGGGKYGEIRIPEEILKAKIEDLNSIEIS
;
A
2 'polydeoxyribonucleotide'
;(DG)(DT)(DC)(DG)(DT)(DT)(DC)(DG)(DC)(DT)(DA)(DC)(DA)(DG)(DG)(BRU)(DC)(DG)(DT)
(DC)(DG)(DG)(DT)(DC)(DT)(DG)(DC)
;
B
3 'polydeoxyribonucleotide'
;(DG)(DC)(DA)(DG)(DA)(DC)(DC)(DG)(DA)(DC)(DG)(DA)(DC)(DU)(DT)(DG)(DT)(DA)(DG)(DC)
(DG)(DA)(DA)(DC)(DG)(DA)(DC)
;
C
#
loop_
_chem_comp.id
_chem_comp.type
_chem_comp.name
_chem_comp.formula
BRU DNA linking 5-BROMO-2'-DEOXYURIDINE-5'-MONOPHOSPHATE 'C9 H12 Br N2 O8 P'
DA DNA linking 2'-DEOXYADENOSINE-5'-MONOPHOSPHATE 'C10 H14 N5 O6 P'
DC DNA linking 2'-DEOXYCYTIDINE-5'-MONOPHOSPHATE 'C9 H14 N3 O7 P'
DG DNA linking 2'-DEOXYGUANOSINE-5'-MONOPHOSPHATE 'C10 H14 N5 O7 P'
DT DNA linking THYMIDINE-5'-MONOPHOSPHATE 'C10 H15 N2 O8 P'
DU DNA linking 2'-DEOXYURIDINE-5'-MONOPHOSPHATE 'C9 H13 N2 O8 P'
EDO non-polymer 1,2-ETHANEDIOL 'C2 H6 O2'
MG non-polymer 'MAGNESIUM ION' 'Mg 2'
ZN non-polymer 'ZINC ION' 'Zn 2'
#
# COMPACT_ATOMS: atom_id res chain seq x y z
N MET A 1 3.96 -16.95 -15.31
CA MET A 1 3.65 -15.59 -15.73
C MET A 1 4.03 -14.57 -14.68
N ILE A 2 4.08 -13.30 -15.08
CA ILE A 2 4.46 -12.20 -14.20
C ILE A 2 3.26 -11.27 -14.07
N VAL A 3 2.75 -11.12 -12.85
CA VAL A 3 1.57 -10.30 -12.61
C VAL A 3 1.85 -9.26 -11.53
N ASP A 4 1.05 -8.20 -11.54
CA ASP A 4 1.10 -7.14 -10.54
C ASP A 4 -0.16 -7.19 -9.71
N GLY A 5 -0.02 -7.26 -8.40
CA GLY A 5 -1.14 -7.41 -7.50
C GLY A 5 -1.07 -6.47 -6.32
N ASP A 6 -2.23 -5.86 -6.01
CA ASP A 6 -2.37 -4.94 -4.89
C ASP A 6 -3.37 -5.56 -3.93
N LEU A 7 -2.88 -5.97 -2.75
CA LEU A 7 -3.59 -6.90 -1.87
C LEU A 7 -4.25 -6.24 -0.68
N HIS A 8 -4.25 -4.91 -0.60
CA HIS A 8 -4.89 -4.21 0.52
C HIS A 8 -5.65 -3.02 -0.02
N ILE A 9 -6.95 -3.18 -0.20
CA ILE A 9 -7.88 -2.09 -0.47
C ILE A 9 -9.06 -2.20 0.49
N HIS A 10 -9.99 -1.25 0.37
CA HIS A 10 -11.17 -1.23 1.22
C HIS A 10 -12.40 -0.95 0.37
N SER A 11 -13.49 -1.65 0.67
CA SER A 11 -14.74 -1.48 -0.05
C SER A 11 -15.44 -0.21 0.41
N HIS A 12 -16.61 0.05 -0.15
CA HIS A 12 -17.42 1.18 0.30
C HIS A 12 -18.06 0.94 1.67
N TYR A 13 -18.05 -0.31 2.15
CA TYR A 13 -18.58 -0.59 3.48
C TYR A 13 -17.63 -0.12 4.59
N SER A 14 -16.37 0.14 4.27
CA SER A 14 -15.45 0.66 5.26
C SER A 14 -15.76 2.13 5.55
N LYS A 15 -14.92 2.75 6.37
CA LYS A 15 -15.11 4.12 6.79
C LYS A 15 -14.11 5.04 6.10
N ALA A 16 -14.56 6.27 5.81
CA ALA A 16 -13.72 7.28 5.15
C ALA A 16 -13.24 6.80 3.78
N VAL A 17 -14.09 6.05 3.08
CA VAL A 17 -13.77 5.45 1.80
C VAL A 17 -14.84 5.85 0.79
N SER A 18 -14.41 6.08 -0.45
CA SER A 18 -15.31 6.53 -1.50
C SER A 18 -16.42 5.51 -1.74
N LYS A 19 -17.62 6.02 -2.01
CA LYS A 19 -18.74 5.17 -2.38
C LYS A 19 -18.58 4.53 -3.75
N LEU A 20 -17.64 5.02 -4.56
CA LEU A 20 -17.34 4.42 -5.85
C LEU A 20 -16.52 3.15 -5.74
N MET A 21 -16.18 2.72 -4.53
CA MET A 21 -15.30 1.57 -4.33
C MET A 21 -16.13 0.28 -4.34
N THR A 22 -16.61 -0.06 -5.53
CA THR A 22 -17.36 -1.28 -5.76
C THR A 22 -16.62 -2.14 -6.77
N PHE A 23 -17.01 -3.41 -6.84
CA PHE A 23 -16.33 -4.37 -7.72
C PHE A 23 -16.25 -3.93 -9.17
N PRO A 24 -17.33 -3.50 -9.83
CA PRO A 24 -17.18 -3.07 -11.23
C PRO A 24 -16.24 -1.88 -11.40
N ILE A 25 -16.38 -0.85 -10.57
CA ILE A 25 -15.53 0.34 -10.72
C ILE A 25 -14.08 0.01 -10.38
N ILE A 26 -13.86 -0.76 -9.31
CA ILE A 26 -12.51 -1.17 -8.93
C ILE A 26 -11.87 -1.94 -10.07
N ALA A 27 -12.60 -2.90 -10.65
CA ALA A 27 -12.05 -3.71 -11.74
C ALA A 27 -11.76 -2.86 -12.96
N GLU A 28 -12.66 -1.93 -13.30
CA GLU A 28 -12.45 -1.05 -14.44
C GLU A 28 -11.18 -0.23 -14.27
N ASN A 29 -11.03 0.43 -13.12
CA ASN A 29 -9.85 1.26 -12.92
C ASN A 29 -8.56 0.46 -12.78
N ALA A 30 -8.64 -0.74 -12.19
CA ALA A 30 -7.46 -1.59 -12.11
C ALA A 30 -7.02 -2.05 -13.48
N LYS A 31 -7.98 -2.42 -14.34
CA LYS A 31 -7.64 -2.80 -15.71
C LYS A 31 -7.07 -1.63 -16.48
N LEU A 32 -7.66 -0.44 -16.31
CA LEU A 32 -7.15 0.75 -16.98
C LEU A 32 -5.73 1.06 -16.54
N LYS A 33 -5.41 0.80 -15.28
CA LYS A 33 -4.09 1.09 -14.75
C LYS A 33 -3.08 -0.02 -15.04
N GLY A 34 -3.52 -1.14 -15.62
CA GLY A 34 -2.62 -2.26 -15.85
C GLY A 34 -2.35 -3.07 -14.61
N LEU A 35 -3.37 -3.36 -13.82
CA LEU A 35 -3.24 -4.07 -12.55
C LEU A 35 -3.88 -5.44 -12.72
N ASN A 36 -3.05 -6.49 -12.72
CA ASN A 36 -3.55 -7.84 -13.00
C ASN A 36 -4.40 -8.36 -11.85
N LEU A 37 -3.87 -8.30 -10.63
CA LEU A 37 -4.52 -8.88 -9.46
C LEU A 37 -4.82 -7.79 -8.44
N VAL A 38 -5.97 -7.92 -7.78
CA VAL A 38 -6.39 -6.98 -6.75
C VAL A 38 -7.03 -7.76 -5.61
N GLY A 39 -6.66 -7.45 -4.38
CA GLY A 39 -7.33 -8.05 -3.24
C GLY A 39 -8.75 -7.52 -3.09
N THR A 40 -9.63 -8.39 -2.62
CA THR A 40 -11.03 -8.00 -2.44
C THR A 40 -11.17 -6.92 -1.38
N GLY A 41 -10.49 -7.08 -0.24
CA GLY A 41 -10.67 -6.20 0.88
C GLY A 41 -12.01 -6.41 1.55
N ASP A 42 -12.09 -6.17 2.85
CA ASP A 42 -13.36 -6.22 3.59
C ASP A 42 -14.10 -7.55 3.40
N SER A 43 -13.34 -8.64 3.22
CA SER A 43 -13.97 -9.92 2.92
C SER A 43 -14.77 -10.47 4.09
N LEU A 44 -14.52 -9.99 5.32
CA LEU A 44 -15.29 -10.44 6.45
C LEU A 44 -16.70 -9.88 6.47
N ASN A 45 -16.98 -8.86 5.66
CA ASN A 45 -18.32 -8.29 5.60
C ASN A 45 -19.19 -9.13 4.68
N PRO A 46 -20.30 -9.70 5.16
CA PRO A 46 -21.11 -10.57 4.29
C PRO A 46 -21.72 -9.86 3.09
N HIS A 47 -22.06 -8.57 3.22
CA HIS A 47 -22.64 -7.86 2.10
C HIS A 47 -21.63 -7.68 0.97
N TRP A 48 -20.37 -7.43 1.32
CA TRP A 48 -19.34 -7.30 0.30
C TRP A 48 -19.08 -8.64 -0.38
N GLU A 49 -19.15 -9.74 0.38
CA GLU A 49 -19.04 -11.07 -0.23
C GLU A 49 -20.22 -11.34 -1.17
N LYS A 50 -21.41 -10.87 -0.80
CA LYS A 50 -22.56 -11.01 -1.69
C LYS A 50 -22.35 -10.23 -2.98
N GLU A 51 -21.84 -9.00 -2.87
CA GLU A 51 -21.55 -8.22 -4.07
C GLU A 51 -20.48 -8.88 -4.92
N LEU A 52 -19.49 -9.51 -4.27
CA LEU A 52 -18.48 -10.27 -5.00
C LEU A 52 -19.11 -11.41 -5.79
N LEU A 53 -19.84 -12.28 -5.10
CA LEU A 53 -20.50 -13.39 -5.77
C LEU A 53 -21.41 -12.90 -6.89
N LYS A 54 -21.96 -11.69 -6.76
CA LYS A 54 -22.80 -11.14 -7.81
C LYS A 54 -21.97 -10.76 -9.03
N HIS A 55 -20.98 -9.88 -8.85
CA HIS A 55 -20.27 -9.27 -9.96
C HIS A 55 -19.05 -10.05 -10.42
N SER A 56 -18.81 -11.25 -9.89
CA SER A 56 -17.63 -12.02 -10.26
C SER A 56 -18.02 -13.38 -10.83
N LYS A 57 -17.06 -14.00 -11.50
CA LYS A 57 -17.13 -15.36 -11.98
C LYS A 57 -16.05 -16.19 -11.30
N PRO A 58 -16.36 -17.43 -10.91
CA PRO A 58 -15.40 -18.21 -10.11
C PRO A 58 -14.22 -18.69 -10.95
N ILE A 59 -13.02 -18.52 -10.41
CA ILE A 59 -11.82 -19.15 -10.94
C ILE A 59 -11.49 -20.43 -10.19
N ASP A 60 -11.44 -20.36 -8.87
CA ASP A 60 -11.45 -21.53 -8.00
C ASP A 60 -12.19 -21.14 -6.72
N ASP A 61 -11.95 -21.88 -5.64
CA ASP A 61 -12.66 -21.60 -4.40
C ASP A 61 -12.18 -20.33 -3.71
N GLY A 62 -11.08 -19.73 -4.16
CA GLY A 62 -10.59 -18.52 -3.54
C GLY A 62 -10.14 -17.46 -4.51
N THR A 63 -10.38 -17.67 -5.80
CA THR A 63 -10.02 -16.71 -6.83
C THR A 63 -11.25 -16.38 -7.65
N PHE A 64 -11.41 -15.10 -7.98
CA PHE A 64 -12.59 -14.65 -8.72
C PHE A 64 -12.13 -13.70 -9.82
N GLU A 65 -13.03 -13.44 -10.77
CA GLU A 65 -12.71 -12.57 -11.89
C GLU A 65 -13.84 -11.59 -12.14
N VAL A 66 -13.49 -10.31 -12.21
CA VAL A 66 -14.42 -9.23 -12.54
C VAL A 66 -13.80 -8.41 -13.65
N ASN A 67 -14.44 -8.37 -14.82
CA ASN A 67 -13.99 -7.57 -15.96
C ASN A 67 -12.52 -7.86 -16.31
N GLY A 68 -12.16 -9.14 -16.26
CA GLY A 68 -10.82 -9.57 -16.59
C GLY A 68 -9.80 -9.42 -15.48
N VAL A 69 -10.14 -8.74 -14.39
CA VAL A 69 -9.23 -8.58 -13.26
C VAL A 69 -9.48 -9.70 -12.26
N LYS A 70 -8.40 -10.29 -11.77
CA LYS A 70 -8.49 -11.35 -10.77
C LYS A 70 -8.54 -10.76 -9.38
N PHE A 71 -9.19 -11.49 -8.47
CA PHE A 71 -9.36 -11.07 -7.09
C PHE A 71 -9.14 -12.27 -6.17
N ILE A 72 -8.35 -12.05 -5.12
CA ILE A 72 -8.23 -12.97 -4.01
C ILE A 72 -8.75 -12.29 -2.76
N LEU A 73 -9.18 -13.10 -1.79
CA LEU A 73 -9.89 -12.60 -0.62
C LEU A 73 -8.92 -12.01 0.39
N THR A 74 -9.10 -10.73 0.72
CA THR A 74 -8.28 -10.06 1.73
C THR A 74 -9.19 -9.24 2.65
N CYS A 75 -8.64 -8.85 3.79
CA CYS A 75 -9.40 -8.06 4.74
C CYS A 75 -8.43 -7.45 5.74
N GLU A 76 -8.74 -6.23 6.20
CA GLU A 76 -8.01 -5.58 7.29
C GLU A 76 -8.94 -5.51 8.50
N VAL A 77 -8.42 -5.93 9.66
CA VAL A 77 -9.19 -5.94 10.90
C VAL A 77 -8.41 -5.21 11.99
N GLU A 78 -9.15 -4.62 12.94
CA GLU A 78 -8.56 -3.82 14.01
C GLU A 78 -8.47 -4.64 15.30
N ASP A 79 -7.40 -4.40 16.06
CA ASP A 79 -7.05 -5.17 17.24
C ASP A 79 -7.84 -4.70 18.46
N LYS A 80 -7.74 -5.50 19.52
CA LYS A 80 -8.18 -5.05 20.83
C LYS A 80 -7.38 -3.84 21.30
N ARG A 81 -6.15 -3.71 20.82
CA ARG A 81 -5.26 -2.60 21.17
C ARG A 81 -5.12 -1.59 20.05
N ARG A 82 -6.10 -1.53 19.15
CA ARG A 82 -6.11 -0.59 18.02
C ARG A 82 -4.88 -0.77 17.13
N VAL A 83 -4.75 -1.98 16.61
CA VAL A 83 -3.67 -2.35 15.69
C VAL A 83 -4.29 -3.06 14.50
N HIS A 84 -3.97 -2.61 13.30
CA HIS A 84 -4.57 -3.18 12.09
C HIS A 84 -3.75 -4.36 11.59
N HIS A 85 -4.45 -5.38 11.10
CA HIS A 85 -3.84 -6.58 10.56
C HIS A 85 -4.48 -6.89 9.22
N LEU A 86 -3.66 -7.30 8.26
CA LEU A 86 -4.11 -7.74 6.95
C LEU A 86 -4.13 -9.26 6.91
N LEU A 87 -5.20 -9.80 6.32
CA LEU A 87 -5.39 -11.24 6.21
C LEU A 87 -5.81 -11.59 4.78
N ILE A 88 -5.20 -12.66 4.27
CA ILE A 88 -5.52 -13.22 2.96
C ILE A 88 -6.07 -14.61 3.19
N PHE A 89 -7.26 -14.87 2.65
CA PHE A 89 -8.00 -16.09 2.94
C PHE A 89 -7.89 -17.06 1.78
N PRO A 90 -7.61 -18.34 2.05
CA PRO A 90 -7.50 -19.32 0.97
C PRO A 90 -8.76 -19.45 0.13
N THR A 91 -9.89 -19.77 0.75
CA THR A 91 -11.14 -19.95 0.04
C THR A 91 -12.24 -19.19 0.78
N LEU A 92 -13.42 -19.17 0.17
CA LEU A 92 -14.57 -18.52 0.79
C LEU A 92 -14.96 -19.22 2.08
N SER A 93 -14.71 -20.53 2.17
CA SER A 93 -15.02 -21.27 3.38
C SER A 93 -14.21 -20.77 4.57
N GLN A 94 -12.92 -20.49 4.36
CA GLN A 94 -12.12 -19.90 5.43
C GLN A 94 -12.65 -18.54 5.84
N VAL A 95 -13.11 -17.74 4.86
CA VAL A 95 -13.71 -16.45 5.16
C VAL A 95 -14.91 -16.63 6.08
N ARG A 96 -15.83 -17.51 5.70
CA ARG A 96 -17.06 -17.67 6.48
C ARG A 96 -16.78 -18.26 7.86
N GLU A 97 -15.82 -19.19 7.94
CA GLU A 97 -15.48 -19.78 9.23
C GLU A 97 -14.85 -18.75 10.16
N PHE A 98 -13.92 -17.94 9.64
CA PHE A 98 -13.34 -16.89 10.46
C PHE A 98 -14.41 -15.88 10.87
N ARG A 99 -15.31 -15.52 9.95
CA ARG A 99 -16.36 -14.57 10.27
C ARG A 99 -17.23 -15.08 11.42
N GLU A 100 -17.61 -16.36 11.38
CA GLU A 100 -18.40 -16.92 12.47
C GLU A 100 -17.58 -17.04 13.75
N LYS A 101 -16.27 -17.26 13.63
CA LYS A 101 -15.42 -17.40 14.81
C LYS A 101 -15.34 -16.11 15.63
N VAL A 102 -15.42 -14.95 14.97
CA VAL A 102 -15.22 -13.65 15.62
C VAL A 102 -16.50 -12.89 15.85
N LYS A 103 -17.67 -13.46 15.51
CA LYS A 103 -18.92 -12.78 15.81
C LYS A 103 -19.10 -12.56 17.30
N ILE A 104 -18.62 -13.49 18.12
CA ILE A 104 -18.73 -13.35 19.57
C ILE A 104 -17.74 -12.33 20.13
N TYR A 105 -16.81 -11.84 19.31
CA TYR A 105 -15.82 -10.87 19.75
C TYR A 105 -15.95 -9.53 19.04
N SER A 106 -16.97 -9.35 18.21
CA SER A 106 -17.12 -8.14 17.43
C SER A 106 -18.58 -7.68 17.46
N THR A 107 -18.75 -6.37 17.28
CA THR A 107 -20.08 -5.77 17.22
C THR A 107 -20.40 -5.18 15.85
N ASN A 108 -19.43 -5.16 14.93
CA ASN A 108 -19.63 -4.57 13.61
C ASN A 108 -19.10 -5.47 12.49
N ILE A 109 -19.00 -6.78 12.73
CA ILE A 109 -18.51 -7.69 11.71
C ILE A 109 -19.42 -7.73 10.49
N GLU A 110 -20.70 -7.35 10.65
CA GLU A 110 -21.65 -7.37 9.56
C GLU A 110 -22.01 -5.99 9.01
N SER A 111 -21.66 -4.91 9.73
CA SER A 111 -22.02 -3.57 9.32
C SER A 111 -20.83 -2.71 8.92
N GLU A 112 -19.62 -3.24 8.96
CA GLU A 112 -18.43 -2.47 8.60
C GLU A 112 -17.49 -3.32 7.76
N GLY A 113 -16.65 -2.64 6.99
CA GLY A 113 -15.65 -3.32 6.20
C GLY A 113 -14.35 -3.52 6.95
N ARG A 114 -14.04 -2.56 7.82
CA ARG A 114 -12.86 -2.65 8.72
C ARG A 114 -13.39 -2.97 10.12
N PRO A 115 -13.61 -4.25 10.48
CA PRO A 115 -14.24 -4.58 11.76
C PRO A 115 -13.29 -4.41 12.94
N ASN A 116 -13.88 -4.20 14.10
CA ASN A 116 -13.16 -4.17 15.36
C ASN A 116 -13.36 -5.50 16.05
N LEU A 117 -12.26 -6.14 16.46
CA LEU A 117 -12.30 -7.43 17.10
C LEU A 117 -11.74 -7.31 18.51
N ASN A 118 -12.52 -7.75 19.51
CA ASN A 118 -12.08 -7.73 20.89
C ASN A 118 -11.13 -8.91 21.17
N LEU A 119 -10.06 -8.96 20.37
CA LEU A 119 -9.06 -10.00 20.47
C LEU A 119 -7.69 -9.38 20.36
N THR A 120 -6.73 -9.94 21.08
CA THR A 120 -5.36 -9.47 20.98
C THR A 120 -4.75 -9.94 19.66
N ALA A 121 -3.65 -9.29 19.28
CA ALA A 121 -2.99 -9.63 18.03
C ALA A 121 -2.56 -11.09 18.00
N GLU A 122 -2.10 -11.61 19.14
CA GLU A 122 -1.71 -13.02 19.20
C GLU A 122 -2.90 -13.94 18.98
N GLU A 123 -4.05 -13.61 19.58
CA GLU A 123 -5.23 -14.44 19.40
C GLU A 123 -5.68 -14.44 17.94
N ILE A 124 -5.70 -13.28 17.31
CA ILE A 124 -6.09 -13.18 15.90
C ILE A 124 -5.14 -13.99 15.02
N ALA A 125 -3.84 -13.78 15.21
CA ALA A 125 -2.86 -14.49 14.40
C ALA A 125 -2.94 -16.00 14.62
N GLU A 126 -3.18 -16.43 15.86
CA GLU A 126 -3.30 -17.86 16.13
C GLU A 126 -4.54 -18.45 15.47
N MET A 127 -5.67 -17.75 15.55
CA MET A 127 -6.88 -18.21 14.88
C MET A 127 -6.68 -18.30 13.38
N ALA A 128 -5.95 -17.34 12.80
CA ALA A 128 -5.68 -17.38 11.38
C ALA A 128 -4.78 -18.57 11.03
N ASN A 129 -3.68 -18.73 11.76
CA ASN A 129 -2.76 -19.83 11.52
C ASN A 129 -3.49 -21.18 11.58
N GLU A 130 -4.40 -21.34 12.54
CA GLU A 130 -5.14 -22.58 12.65
C GLU A 130 -5.97 -22.85 11.40
N LEU A 131 -6.35 -21.81 10.67
CA LEU A 131 -7.16 -21.94 9.47
C LEU A 131 -6.37 -21.67 8.19
N ASP A 132 -5.04 -21.67 8.29
CA ASP A 132 -4.17 -21.43 7.13
C ASP A 132 -4.46 -20.10 6.46
N ILE A 133 -4.94 -19.13 7.23
CA ILE A 133 -5.22 -17.79 6.74
C ILE A 133 -3.95 -16.96 6.89
N LEU A 134 -3.48 -16.39 5.78
CA LEU A 134 -2.25 -15.61 5.83
C LEU A 134 -2.50 -14.31 6.62
N ILE A 135 -1.68 -14.10 7.64
CA ILE A 135 -1.84 -12.93 8.55
C ILE A 135 -0.56 -12.10 8.52
N GLY A 136 -0.71 -10.80 8.67
CA GLY A 136 0.43 -9.91 8.71
C GLY A 136 0.10 -8.52 9.21
N PRO A 137 1.08 -7.85 9.81
CA PRO A 137 0.85 -6.46 10.25
C PRO A 137 0.68 -5.55 9.04
N ALA A 138 -0.42 -4.79 9.04
CA ALA A 138 -0.70 -3.84 7.97
C ALA A 138 -0.21 -2.45 8.36
N HIS A 139 0.35 -1.74 7.38
CA HIS A 139 0.95 -0.41 7.57
C HIS A 139 1.68 -0.31 8.90
N ALA A 140 2.67 -1.20 9.06
CA ALA A 140 3.20 -1.60 10.36
C ALA A 140 3.81 -0.47 11.18
N PHE A 141 4.06 0.70 10.59
CA PHE A 141 4.74 1.78 11.30
C PHE A 141 3.90 3.05 11.44
N THR A 142 2.61 3.00 11.14
CA THR A 142 1.74 4.15 11.34
C THR A 142 1.70 4.51 12.82
N PRO A 143 1.80 5.80 13.16
CA PRO A 143 1.80 6.19 14.59
C PRO A 143 0.45 6.07 15.27
N TRP A 144 -0.63 5.79 14.54
CA TRP A 144 -1.96 5.73 15.13
C TRP A 144 -2.45 4.31 15.36
N THR A 145 -2.47 3.48 14.31
CA THR A 145 -3.16 2.19 14.35
C THR A 145 -2.28 1.06 13.82
N SER A 146 -0.98 1.12 14.06
CA SER A 146 -0.07 0.11 13.58
C SER A 146 0.44 -0.75 14.72
N LEU A 147 1.24 -1.76 14.36
CA LEU A 147 1.83 -2.63 15.37
C LEU A 147 2.93 -1.92 16.14
N TYR A 148 3.82 -1.23 15.43
CA TYR A 148 4.98 -0.64 16.08
C TYR A 148 4.78 0.63 16.90
N LYS A 149 3.55 1.14 16.90
CA LYS A 149 3.18 2.29 17.75
C LYS A 149 2.67 1.72 19.07
N GLU A 150 2.34 0.42 19.07
CA GLU A 150 1.80 -0.29 20.22
C GLU A 150 2.88 -1.18 20.83
N TYR A 151 3.63 -1.90 20.00
CA TYR A 151 4.64 -2.83 20.49
C TYR A 151 6.02 -2.45 19.96
N ASP A 152 7.04 -2.91 20.66
CA ASP A 152 8.44 -2.67 20.28
C ASP A 152 9.01 -3.79 19.41
N SER A 153 8.26 -4.86 19.17
CA SER A 153 8.73 -5.96 18.35
C SER A 153 7.56 -6.81 17.92
N LEU A 154 7.75 -7.57 16.84
CA LEU A 154 6.73 -8.50 16.40
C LEU A 154 6.49 -9.59 17.43
N LYS A 155 7.52 -9.95 18.20
CA LYS A 155 7.35 -10.99 19.21
C LYS A 155 6.46 -10.51 20.35
N ASP A 156 6.57 -9.24 20.73
CA ASP A 156 5.73 -8.69 21.78
C ASP A 156 4.25 -8.70 21.38
N ALA A 157 3.97 -8.60 20.08
CA ALA A 157 2.59 -8.54 19.61
C ALA A 157 2.01 -9.93 19.35
N TYR A 158 2.77 -10.79 18.65
CA TYR A 158 2.23 -12.08 18.24
C TYR A 158 2.65 -13.24 19.13
N GLY A 159 3.68 -13.08 19.94
CA GLY A 159 4.05 -14.13 20.88
C GLY A 159 4.40 -15.41 20.15
N ASP A 160 3.66 -16.48 20.46
CA ASP A 160 3.91 -17.78 19.86
C ASP A 160 3.28 -17.92 18.47
N ALA A 161 2.46 -16.96 18.05
CA ALA A 161 1.82 -17.04 16.75
C ALA A 161 2.81 -16.68 15.65
N LYS A 162 2.43 -17.00 14.42
CA LYS A 162 3.28 -16.81 13.26
C LYS A 162 2.57 -15.89 12.26
N ILE A 163 3.34 -15.02 11.62
CA ILE A 163 2.84 -14.19 10.54
C ILE A 163 3.49 -14.61 9.23
N ASP A 164 2.80 -14.32 8.13
CA ASP A 164 3.20 -14.76 6.81
C ASP A 164 3.76 -13.64 5.96
N PHE A 165 3.77 -12.40 6.46
CA PHE A 165 4.33 -11.26 5.75
C PHE A 165 4.21 -10.05 6.66
N LEU A 166 4.79 -8.93 6.22
CA LEU A 166 4.64 -7.64 6.85
C LEU A 166 4.37 -6.63 5.75
N GLU A 167 3.24 -5.92 5.83
CA GLU A 167 2.93 -4.88 4.87
C GLU A 167 3.77 -3.64 5.19
N LEU A 168 4.61 -3.24 4.24
CA LEU A 168 5.54 -2.14 4.45
C LEU A 168 4.84 -0.84 4.79
N GLY A 169 4.13 -0.26 3.82
CA GLY A 169 3.47 1.01 4.04
C GLY A 169 3.91 2.10 3.07
N LEU A 170 3.05 3.09 2.86
CA LEU A 170 3.40 4.18 1.98
C LEU A 170 4.70 4.85 2.42
N SER A 171 4.79 5.21 3.70
CA SER A 171 5.90 6.00 4.23
C SER A 171 7.17 5.19 4.49
N ALA A 172 7.23 3.94 4.06
CA ALA A 172 8.43 3.14 4.25
C ALA A 172 8.71 2.32 3.00
N ASP A 173 9.97 1.88 2.88
CA ASP A 173 10.37 0.96 1.83
C ASP A 173 11.11 -0.24 2.43
N SER A 174 11.69 -1.09 1.58
CA SER A 174 12.20 -2.36 2.07
C SER A 174 13.46 -2.20 2.92
N ASP A 175 14.32 -1.24 2.56
CA ASP A 175 15.57 -1.06 3.32
C ASP A 175 15.29 -0.61 4.75
N MET A 176 14.40 0.38 4.91
CA MET A 176 14.04 0.86 6.23
C MET A 176 13.58 -0.28 7.12
N ALA A 177 12.61 -1.06 6.65
CA ALA A 177 12.10 -2.18 7.44
C ALA A 177 13.17 -3.23 7.68
N ASP A 178 14.04 -3.47 6.69
CA ASP A 178 15.12 -4.41 6.87
C ASP A 178 16.18 -3.92 7.85
N MET A 179 16.11 -2.65 8.28
CA MET A 179 16.96 -2.27 9.41
C MET A 179 16.59 -2.98 10.75
N ILE A 180 15.68 -3.96 10.74
CA ILE A 180 15.31 -4.73 11.93
C ILE A 180 15.53 -6.20 11.58
N LYS A 181 16.49 -6.84 12.25
CA LYS A 181 16.98 -8.14 11.81
C LYS A 181 15.87 -9.18 11.72
N ALA A 182 14.88 -9.12 12.64
CA ALA A 182 13.76 -10.04 12.59
C ALA A 182 13.09 -10.01 11.23
N HIS A 183 12.78 -8.80 10.75
CA HIS A 183 12.14 -8.61 9.46
C HIS A 183 12.87 -9.33 8.33
N HIS A 184 14.15 -9.67 8.50
CA HIS A 184 14.90 -10.32 7.44
C HIS A 184 14.29 -11.66 7.05
N SER A 185 13.59 -12.32 7.99
CA SER A 185 13.01 -13.63 7.70
C SER A 185 11.55 -13.54 7.27
N ILE A 186 11.09 -12.36 6.88
CA ILE A 186 9.66 -12.14 6.62
C ILE A 186 9.45 -11.48 5.26
N PRO A 187 8.55 -12.01 4.43
CA PRO A 187 8.28 -11.36 3.15
C PRO A 187 7.59 -10.01 3.36
N TYR A 188 7.79 -9.11 2.40
CA TYR A 188 7.18 -7.80 2.42
C TYR A 188 6.07 -7.72 1.39
N LEU A 189 4.97 -7.07 1.76
CA LEU A 189 3.93 -6.66 0.84
C LEU A 189 3.94 -5.15 0.74
N SER A 190 3.80 -4.63 -0.47
CA SER A 190 3.64 -3.21 -0.72
C SER A 190 2.28 -3.04 -1.39
N ASN A 191 1.31 -2.53 -0.64
CA ASN A 191 -0.06 -2.42 -1.12
C ASN A 191 -0.51 -0.97 -1.05
N SER A 192 -1.64 -0.69 -1.72
CA SER A 192 -2.12 0.66 -1.93
C SER A 192 -2.90 1.23 -0.74
N ASN A 193 -3.58 0.37 0.04
CA ASN A 193 -4.50 0.84 1.07
C ASN A 193 -5.54 1.78 0.48
N ALA A 194 -6.05 1.43 -0.69
CA ALA A 194 -6.84 2.37 -1.49
C ALA A 194 -8.21 2.59 -0.88
N HIS A 195 -8.56 3.87 -0.67
CA HIS A 195 -9.90 4.27 -0.27
C HIS A 195 -10.67 4.90 -1.41
N SER A 196 -10.18 4.77 -2.64
CA SER A 196 -10.75 5.45 -3.79
C SER A 196 -10.24 4.73 -5.04
N PRO A 197 -11.07 4.59 -6.07
CA PRO A 197 -10.61 3.98 -7.32
C PRO A 197 -9.83 4.92 -8.22
N ASN A 198 -9.56 6.14 -7.76
CA ASN A 198 -8.81 7.16 -8.50
C ASN A 198 -7.46 6.61 -8.95
N PRO A 199 -6.86 7.18 -10.00
CA PRO A 199 -5.60 6.60 -10.51
C PRO A 199 -4.48 6.60 -9.49
N HIS A 200 -4.28 7.71 -8.79
CA HIS A 200 -3.19 7.83 -7.81
C HIS A 200 -3.49 7.11 -6.49
N ARG A 201 -4.65 6.47 -6.37
CA ARG A 201 -5.02 5.75 -5.16
C ARG A 201 -4.98 4.24 -5.40
N LEU A 202 -5.89 3.71 -6.22
CA LEU A 202 -5.91 2.28 -6.48
C LEU A 202 -4.61 1.86 -7.16
N GLY A 203 -3.87 0.98 -6.50
CA GLY A 203 -2.63 0.50 -7.09
C GLY A 203 -1.49 1.49 -7.03
N ARG A 204 -1.51 2.42 -6.07
CA ARG A 204 -0.35 3.30 -5.89
C ARG A 204 0.89 2.50 -5.51
N GLU A 205 0.71 1.44 -4.72
CA GLU A 205 1.73 0.44 -4.48
C GLU A 205 1.19 -0.91 -4.93
N PHE A 206 2.12 -1.83 -5.25
CA PHE A 206 1.75 -3.19 -5.61
C PHE A 206 2.98 -4.09 -5.51
N ASN A 207 2.74 -5.39 -5.69
CA ASN A 207 3.80 -6.39 -5.67
C ASN A 207 3.77 -7.15 -6.99
N ARG A 208 4.95 -7.38 -7.56
CA ARG A 208 5.08 -8.09 -8.83
C ARG A 208 5.52 -9.52 -8.53
N PHE A 209 4.60 -10.46 -8.75
CA PHE A 209 4.77 -11.87 -8.49
C PHE A 209 5.08 -12.62 -9.79
N GLU A 210 5.83 -13.71 -9.64
CA GLU A 210 6.01 -14.72 -10.68
C GLU A 210 5.21 -15.94 -10.26
N VAL A 211 4.22 -16.32 -11.08
CA VAL A 211 3.33 -17.42 -10.77
C VAL A 211 3.06 -18.21 -12.05
N LYS A 212 2.55 -19.43 -11.87
CA LYS A 212 2.14 -20.23 -13.02
C LYS A 212 0.74 -19.83 -13.48
N ASP A 213 -0.19 -19.64 -12.54
CA ASP A 213 -1.50 -19.07 -12.81
C ASP A 213 -1.78 -17.99 -11.77
N VAL A 214 -2.85 -17.23 -11.99
CA VAL A 214 -3.28 -16.21 -11.03
C VAL A 214 -4.36 -16.86 -10.16
N THR A 215 -3.93 -17.55 -9.11
CA THR A 215 -4.81 -18.14 -8.12
C THR A 215 -4.23 -17.85 -6.74
N PHE A 216 -5.05 -18.05 -5.71
CA PHE A 216 -4.58 -17.80 -4.34
C PHE A 216 -3.37 -18.66 -4.01
N GLU A 217 -3.40 -19.94 -4.40
CA GLU A 217 -2.31 -20.85 -4.03
C GLU A 217 -1.00 -20.45 -4.68
N GLU A 218 -1.05 -20.03 -5.94
CA GLU A 218 0.16 -19.54 -6.59
C GLU A 218 0.69 -18.31 -5.88
N ILE A 219 -0.20 -17.42 -5.44
CA ILE A 219 0.23 -16.22 -4.73
C ILE A 219 0.83 -16.57 -3.38
N ARG A 220 0.27 -17.59 -2.72
CA ARG A 220 0.83 -18.02 -1.44
C ARG A 220 2.23 -18.60 -1.62
N LYS A 221 2.42 -19.39 -2.67
CA LYS A 221 3.76 -19.88 -2.97
C LYS A 221 4.71 -18.74 -3.30
N ALA A 222 4.22 -17.73 -4.02
CA ALA A 222 5.07 -16.59 -4.38
C ALA A 222 5.48 -15.80 -3.15
N ILE A 223 4.56 -15.61 -2.21
CA ILE A 223 4.88 -14.89 -0.97
C ILE A 223 5.85 -15.72 -0.12
N LYS A 224 5.57 -17.01 0.04
CA LYS A 224 6.50 -17.89 0.75
C LYS A 224 7.82 -18.03 -0.02
N GLY A 225 7.77 -17.99 -1.34
CA GLY A 225 8.95 -18.19 -2.14
C GLY A 225 9.31 -19.65 -2.31
N VAL A 226 8.33 -20.45 -2.74
CA VAL A 226 8.49 -21.89 -2.88
C VAL A 226 8.07 -22.30 -4.28
N GLY A 227 8.53 -23.49 -4.68
CA GLY A 227 8.13 -24.08 -5.94
C GLY A 227 8.42 -23.23 -7.16
N GLY A 228 9.48 -22.42 -7.12
CA GLY A 228 9.81 -21.54 -8.22
C GLY A 228 9.04 -20.24 -8.26
N ARG A 229 7.98 -20.11 -7.46
CA ARG A 229 7.24 -18.85 -7.40
C ARG A 229 7.95 -17.89 -6.46
N LYS A 230 7.75 -16.59 -6.69
CA LYS A 230 8.51 -15.60 -5.94
C LYS A 230 7.89 -14.23 -6.13
N ILE A 231 7.97 -13.42 -5.08
CA ILE A 231 7.74 -11.98 -5.20
C ILE A 231 9.02 -11.42 -5.84
N MET A 232 8.95 -11.10 -7.12
CA MET A 232 10.14 -10.58 -7.79
C MET A 232 10.26 -9.07 -7.73
N LEU A 233 9.22 -8.35 -7.30
CA LEU A 233 9.37 -6.90 -7.21
C LEU A 233 8.39 -6.33 -6.20
N ASN A 234 8.79 -5.24 -5.54
CA ASN A 234 7.93 -4.46 -4.66
C ASN A 234 7.90 -3.03 -5.18
N ALA A 235 6.80 -2.62 -5.80
CA ALA A 235 6.65 -1.27 -6.30
C ALA A 235 5.86 -0.45 -5.28
N GLY A 236 6.38 0.71 -4.92
CA GLY A 236 5.75 1.49 -3.88
C GLY A 236 6.10 2.96 -3.97
N LEU A 237 5.29 3.77 -3.29
CA LEU A 237 5.58 5.19 -3.19
C LEU A 237 6.92 5.39 -2.51
N ASP A 238 7.67 6.37 -3.00
CA ASP A 238 8.84 6.87 -2.31
C ASP A 238 8.44 7.16 -0.86
N PRO A 239 9.12 6.57 0.12
CA PRO A 239 8.66 6.67 1.51
C PRO A 239 8.42 8.09 2.00
N ARG A 240 9.04 9.07 1.35
CA ARG A 240 8.86 10.46 1.76
C ARG A 240 7.48 10.99 1.39
N LEU A 241 6.76 10.33 0.48
CA LEU A 241 5.45 10.83 0.08
C LEU A 241 4.33 10.42 1.03
N GLY A 242 4.57 9.44 1.91
CA GLY A 242 3.52 8.97 2.79
C GLY A 242 3.08 10.01 3.79
N LYS A 243 1.90 9.77 4.38
CA LYS A 243 1.31 10.70 5.32
C LYS A 243 2.08 10.75 6.64
N TYR A 244 2.85 9.72 6.98
CA TYR A 244 3.47 9.61 8.29
C TYR A 244 4.96 9.34 8.19
N HIS A 245 5.63 9.86 7.15
CA HIS A 245 7.05 9.60 7.01
C HIS A 245 7.85 10.30 8.12
N LEU A 246 7.66 11.61 8.26
CA LEU A 246 8.37 12.38 9.27
C LEU A 246 7.48 12.61 10.48
N THR A 247 8.09 13.15 11.54
CA THR A 247 7.38 13.46 12.77
C THR A 247 6.84 14.88 12.67
N ALA A 248 5.51 15.01 12.70
CA ALA A 248 4.88 16.30 12.53
C ALA A 248 3.63 16.37 13.39
N CYS A 249 3.06 17.58 13.47
CA CYS A 249 1.83 17.80 14.22
C CYS A 249 0.64 17.25 13.45
N SER A 250 -0.35 16.76 14.19
CA SER A 250 -1.55 16.18 13.58
C SER A 250 -2.55 17.24 13.13
N ARG A 251 -2.35 18.51 13.50
CA ARG A 251 -3.28 19.58 13.17
C ARG A 251 -2.71 20.53 12.13
N CYS A 252 -1.59 21.20 12.42
CA CYS A 252 -0.98 22.12 11.48
C CYS A 252 0.08 21.48 10.60
N TYR A 253 0.43 20.22 10.85
CA TYR A 253 1.31 19.42 10.00
C TYR A 253 2.75 19.94 9.98
N THR A 254 3.13 20.79 10.94
CA THR A 254 4.50 21.27 11.01
C THR A 254 5.42 20.15 11.51
N LYS A 255 6.53 19.94 10.80
CA LYS A 255 7.41 18.83 11.10
C LYS A 255 8.37 19.19 12.23
N TYR A 256 8.69 18.19 13.04
CA TYR A 256 9.62 18.34 14.15
C TYR A 256 10.56 17.14 14.18
N THR A 257 11.78 17.37 14.67
CA THR A 257 12.70 16.26 14.88
C THR A 257 12.30 15.46 16.11
N LEU A 258 12.85 14.25 16.21
CA LEU A 258 12.50 13.37 17.33
C LEU A 258 12.90 13.98 18.67
N GLN A 259 14.09 14.56 18.70
CA GLN A 259 14.60 15.23 19.92
C GLN A 259 13.66 16.39 20.26
N ASP A 260 13.33 17.22 19.27
CA ASP A 260 12.46 18.37 19.50
C ASP A 260 11.08 17.93 19.98
N ALA A 261 10.54 16.86 19.41
CA ALA A 261 9.25 16.36 19.86
C ALA A 261 9.32 15.84 21.29
N VAL A 262 10.41 15.14 21.63
CA VAL A 262 10.57 14.64 23.00
C VAL A 262 10.65 15.79 23.98
N SER A 263 11.41 16.84 23.64
CA SER A 263 11.52 17.99 24.53
C SER A 263 10.23 18.78 24.62
N LEU A 264 9.44 18.80 23.53
CA LEU A 264 8.14 19.45 23.53
C LEU A 264 7.04 18.60 24.13
N SER A 265 7.35 17.34 24.50
CA SER A 265 6.37 16.44 25.10
C SER A 265 5.22 16.13 24.15
N TRP A 266 5.48 16.20 22.85
CA TRP A 266 4.56 15.76 21.80
C TRP A 266 3.35 16.68 21.63
N LYS A 267 3.49 17.96 21.99
CA LYS A 267 2.47 18.96 21.70
C LYS A 267 3.08 20.09 20.89
N CYS A 268 2.44 20.44 19.79
CA CYS A 268 2.95 21.46 18.89
C CYS A 268 2.86 22.82 19.56
N PRO A 269 3.97 23.56 19.70
CA PRO A 269 3.91 24.88 20.36
C PRO A 269 3.21 25.94 19.54
N LYS A 270 2.98 25.73 18.25
CA LYS A 270 2.37 26.73 17.39
C LYS A 270 0.88 26.49 17.15
N CYS A 271 0.35 25.35 17.56
CA CYS A 271 -1.10 25.11 17.43
C CYS A 271 -1.67 24.24 18.53
N GLY A 272 -0.88 23.78 19.50
CA GLY A 272 -1.38 22.93 20.55
C GLY A 272 -1.74 21.53 20.13
N GLY A 273 -1.54 21.17 18.87
CA GLY A 273 -1.90 19.84 18.40
C GLY A 273 -0.96 18.77 18.89
N ILE A 274 -1.38 17.52 18.69
CA ILE A 274 -0.62 16.36 19.12
C ILE A 274 0.38 16.01 18.02
N ILE A 275 1.66 15.99 18.37
CA ILE A 275 2.70 15.60 17.42
C ILE A 275 2.75 14.08 17.33
N LYS A 276 2.80 13.57 16.11
CA LYS A 276 2.83 12.13 15.88
C LYS A 276 4.15 11.72 15.25
N LYS A 277 4.75 10.67 15.81
CA LYS A 277 6.08 10.24 15.39
C LYS A 277 6.03 9.58 14.01
N GLY A 278 6.95 9.99 13.13
CA GLY A 278 7.00 9.41 11.81
C GLY A 278 7.57 8.00 11.81
N VAL A 279 7.42 7.32 10.66
CA VAL A 279 7.91 5.95 10.57
C VAL A 279 9.42 5.92 10.46
N ARG A 280 10.04 6.96 9.88
CA ARG A 280 11.50 6.99 9.79
C ARG A 280 12.11 7.07 11.18
N ASP A 281 11.62 8.00 12.01
CA ASP A 281 12.11 8.11 13.37
C ASP A 281 11.81 6.85 14.17
N ARG A 282 10.63 6.26 13.97
CA ARG A 282 10.29 5.05 14.70
C ARG A 282 11.22 3.89 14.34
N ILE A 283 11.51 3.71 13.05
CA ILE A 283 12.38 2.63 12.63
C ILE A 283 13.82 2.86 13.11
N LEU A 284 14.32 4.09 12.99
CA LEU A 284 15.63 4.38 13.54
C LEU A 284 15.66 4.17 15.05
N GLU A 285 14.52 4.38 15.71
CA GLU A 285 14.42 4.16 17.15
C GLU A 285 14.51 2.66 17.46
N LEU A 286 13.93 1.83 16.61
CA LEU A 286 14.00 0.39 16.75
C LEU A 286 15.10 -0.24 15.90
N ALA A 287 16.01 0.57 15.37
CA ALA A 287 17.05 0.07 14.47
C ALA A 287 17.87 -1.03 15.16
N ASP A 288 18.26 -2.03 14.37
CA ASP A 288 18.83 -3.24 14.94
C ASP A 288 20.12 -3.65 14.24
N THR A 289 20.13 -3.66 12.91
CA THR A 289 21.26 -4.16 12.14
C THR A 289 21.48 -3.31 10.90
N SER A 290 22.72 -3.30 10.43
CA SER A 290 23.09 -2.60 9.21
C SER A 290 23.06 -3.51 7.98
N GLU A 291 22.74 -4.79 8.15
CA GLU A 291 22.72 -5.73 7.05
C GLU A 291 21.32 -5.85 6.46
N LYS A 292 21.27 -6.37 5.24
CA LYS A 292 20.04 -6.65 4.52
C LYS A 292 20.06 -8.10 4.07
N PRO A 293 18.90 -8.73 3.92
CA PRO A 293 18.88 -10.09 3.38
C PRO A 293 19.16 -10.08 1.89
N LYS A 294 19.89 -11.09 1.42
CA LYS A 294 20.23 -11.17 0.01
C LYS A 294 18.99 -11.46 -0.84
N ASP A 295 18.13 -12.36 -0.37
CA ASP A 295 16.92 -12.74 -1.09
C ASP A 295 15.86 -11.63 -1.10
N ARG A 296 16.13 -10.45 -0.57
CA ARG A 296 15.14 -9.39 -0.54
C ARG A 296 14.89 -8.88 -1.95
N PRO A 297 13.65 -8.94 -2.45
CA PRO A 297 13.40 -8.45 -3.80
C PRO A 297 13.56 -6.94 -3.85
N PRO A 298 13.99 -6.40 -4.99
CA PRO A 298 14.20 -4.95 -5.08
C PRO A 298 12.90 -4.17 -4.92
N TYR A 299 13.02 -2.97 -4.36
CA TYR A 299 11.91 -2.06 -4.14
C TYR A 299 12.02 -0.93 -5.16
N VAL A 300 11.05 -0.84 -6.06
CA VAL A 300 10.99 0.23 -7.04
C VAL A 300 10.16 1.37 -6.45
N ARG A 301 10.79 2.50 -6.21
CA ARG A 301 10.09 3.67 -5.68
C ARG A 301 9.27 4.34 -6.77
N LEU A 302 8.04 4.71 -6.43
CA LEU A 302 7.12 5.32 -7.38
C LEU A 302 6.67 6.69 -6.90
N ALA A 303 6.08 7.44 -7.84
CA ALA A 303 5.37 8.66 -7.56
C ALA A 303 4.21 8.60 -8.55
N PRO A 304 2.98 8.75 -8.09
CA PRO A 304 1.82 8.54 -8.97
C PRO A 304 1.90 9.43 -10.21
N LEU A 305 1.67 8.81 -11.37
CA LEU A 305 1.79 9.54 -12.63
C LEU A 305 0.84 10.73 -12.68
N ALA A 306 -0.34 10.60 -12.06
CA ALA A 306 -1.24 11.73 -11.98
C ALA A 306 -0.62 12.89 -11.19
N GLU A 307 0.19 12.57 -10.17
CA GLU A 307 0.87 13.64 -9.44
C GLU A 307 1.93 14.32 -10.30
N ILE A 308 2.67 13.54 -11.09
CA ILE A 308 3.62 14.13 -12.02
C ILE A 308 2.90 15.06 -13.00
N ILE A 309 1.79 14.59 -13.56
CA ILE A 309 1.04 15.38 -14.53
C ILE A 309 0.49 16.63 -13.89
N ALA A 310 0.03 16.53 -12.63
CA ALA A 310 -0.53 17.69 -11.95
C ALA A 310 0.54 18.73 -11.65
N MET A 311 1.73 18.29 -11.24
CA MET A 311 2.79 19.26 -10.96
C MET A 311 3.38 19.84 -12.24
N VAL A 312 3.32 19.11 -13.36
CA VAL A 312 3.79 19.65 -14.62
C VAL A 312 2.80 20.66 -15.19
N LEU A 313 1.53 20.25 -15.30
CA LEU A 313 0.48 21.11 -15.82
C LEU A 313 0.15 22.26 -14.87
N GLY A 314 0.60 22.20 -13.62
CA GLY A 314 0.27 23.25 -12.67
C GLY A 314 -1.20 23.27 -12.32
N LYS A 315 -1.83 22.10 -12.26
CA LYS A 315 -3.27 22.00 -12.02
C LYS A 315 -3.52 20.96 -10.94
N GLY A 316 -4.79 20.90 -10.52
CA GLY A 316 -5.15 20.02 -9.42
C GLY A 316 -5.14 18.56 -9.83
N ILE A 317 -5.08 17.70 -8.80
CA ILE A 317 -4.97 16.26 -9.03
C ILE A 317 -6.25 15.70 -9.63
N GLU A 318 -7.40 16.29 -9.31
CA GLU A 318 -8.68 15.83 -9.81
C GLU A 318 -9.12 16.55 -11.09
N SER A 319 -8.29 17.43 -11.64
CA SER A 319 -8.69 18.24 -12.78
C SER A 319 -8.91 17.36 -14.01
N LYS A 320 -9.72 17.89 -14.94
CA LYS A 320 -10.01 17.15 -16.16
C LYS A 320 -8.78 17.10 -17.08
N ALA A 321 -7.90 18.10 -16.99
CA ALA A 321 -6.70 18.11 -17.83
C ALA A 321 -5.77 16.96 -17.47
N VAL A 322 -5.48 16.80 -16.18
CA VAL A 322 -4.62 15.70 -15.76
C VAL A 322 -5.27 14.36 -16.05
N LYS A 323 -6.59 14.27 -15.90
CA LYS A 323 -7.29 13.03 -16.24
C LYS A 323 -7.11 12.69 -17.71
N LEU A 324 -7.27 13.69 -18.59
CA LEU A 324 -7.14 13.42 -20.02
C LEU A 324 -5.71 13.03 -20.39
N LEU A 325 -4.71 13.74 -19.85
CA LEU A 325 -3.33 13.41 -20.16
C LEU A 325 -2.95 12.03 -19.60
N TRP A 326 -3.42 11.71 -18.40
CA TRP A 326 -3.18 10.39 -17.82
C TRP A 326 -3.81 9.30 -18.66
N ASN A 327 -5.03 9.54 -19.16
CA ASN A 327 -5.68 8.54 -20.01
C ASN A 327 -4.94 8.38 -21.33
N ARG A 328 -4.42 9.47 -21.89
CA ARG A 328 -3.62 9.37 -23.10
C ARG A 328 -2.39 8.49 -22.86
N PHE A 329 -1.67 8.77 -21.77
CA PHE A 329 -0.49 7.96 -21.44
C PHE A 329 -0.85 6.49 -21.24
N LEU A 330 -1.97 6.22 -20.55
CA LEU A 330 -2.31 4.83 -20.25
C LEU A 330 -2.77 4.09 -21.50
N ARG A 331 -3.58 4.73 -22.35
CA ARG A 331 -3.95 4.13 -23.63
C ARG A 331 -2.72 3.85 -24.47
N GLU A 332 -1.74 4.75 -24.43
CA GLU A 332 -0.59 4.62 -25.32
C GLU A 332 0.37 3.54 -24.85
N PHE A 333 0.56 3.39 -23.54
CA PHE A 333 1.65 2.57 -23.02
C PHE A 333 1.24 1.40 -22.12
N GLY A 334 0.07 1.44 -21.49
CA GLY A 334 -0.50 0.27 -20.86
C GLY A 334 -0.42 0.24 -19.34
N SER A 335 0.51 0.95 -18.73
CA SER A 335 0.62 0.92 -17.27
C SER A 335 1.40 2.13 -16.77
N GLU A 336 1.05 2.58 -15.57
CA GLU A 336 1.76 3.70 -14.95
C GLU A 336 3.22 3.36 -14.71
N ILE A 337 3.48 2.16 -14.18
CA ILE A 337 4.84 1.77 -13.82
C ILE A 337 5.76 1.80 -15.04
N ARG A 338 5.23 1.40 -16.21
CA ARG A 338 6.04 1.40 -17.42
C ARG A 338 6.44 2.81 -17.82
N VAL A 339 5.50 3.75 -17.75
CA VAL A 339 5.82 5.14 -18.09
C VAL A 339 6.78 5.73 -17.07
N LEU A 340 6.64 5.36 -15.80
CA LEU A 340 7.45 5.96 -14.76
C LEU A 340 8.89 5.46 -14.77
N ILE A 341 9.08 4.15 -14.91
CA ILE A 341 10.39 3.53 -14.70
C ILE A 341 10.98 2.98 -15.98
N ASP A 342 10.17 2.31 -16.80
CA ASP A 342 10.70 1.49 -17.90
C ASP A 342 10.75 2.21 -19.23
N LEU A 343 9.83 3.13 -19.49
CA LEU A 343 9.73 3.71 -20.82
C LEU A 343 10.89 4.68 -21.06
N PRO A 344 11.41 4.74 -22.28
CA PRO A 344 12.42 5.76 -22.59
C PRO A 344 11.79 7.15 -22.58
N ILE A 345 12.60 8.13 -22.16
CA ILE A 345 12.10 9.50 -22.06
C ILE A 345 11.70 10.06 -23.43
N GLU A 346 12.34 9.58 -24.50
CA GLU A 346 11.95 10.00 -25.84
C GLU A 346 10.53 9.57 -26.16
N SER A 347 10.17 8.33 -25.80
CA SER A 347 8.81 7.86 -26.03
C SER A 347 7.81 8.63 -25.19
N ILE A 348 8.18 8.96 -23.94
CA ILE A 348 7.31 9.79 -23.11
C ILE A 348 7.13 11.17 -23.74
N ALA A 349 8.16 11.67 -24.44
CA ALA A 349 8.09 13.00 -25.01
C ALA A 349 7.08 13.07 -26.16
N SER A 350 6.82 11.95 -26.85
CA SER A 350 5.86 11.97 -27.94
C SER A 350 4.45 12.27 -27.45
N VAL A 351 4.14 11.90 -26.22
CA VAL A 351 2.84 12.22 -25.63
C VAL A 351 2.86 13.58 -24.96
N HIS A 352 3.92 13.91 -24.22
CA HIS A 352 4.05 15.20 -23.57
C HIS A 352 5.51 15.41 -23.20
N GLU A 353 6.08 16.53 -23.64
CA GLU A 353 7.50 16.78 -23.41
C GLU A 353 7.78 17.14 -21.95
N GLY A 354 6.95 17.99 -21.35
CA GLY A 354 7.16 18.37 -19.97
C GLY A 354 7.06 17.20 -19.01
N VAL A 355 6.10 16.30 -19.25
CA VAL A 355 6.01 15.10 -18.42
C VAL A 355 7.24 14.22 -18.60
N ALA A 356 7.78 14.18 -19.82
CA ALA A 356 9.00 13.41 -20.05
C ALA A 356 10.18 13.99 -19.27
N LYS A 357 10.32 15.32 -19.28
CA LYS A 357 11.40 15.93 -18.51
C LYS A 357 11.21 15.69 -17.01
N ALA A 358 9.97 15.79 -16.53
CA ALA A 358 9.72 15.55 -15.11
C ALA A 358 10.03 14.11 -14.73
N ILE A 359 9.68 13.15 -15.59
CA ILE A 359 9.96 11.75 -15.30
C ILE A 359 11.46 11.49 -15.32
N TRP A 360 12.18 12.15 -16.24
CA TRP A 360 13.63 12.06 -16.23
C TRP A 360 14.19 12.57 -14.91
N ALA A 361 13.74 13.75 -14.48
CA ALA A 361 14.21 14.31 -13.22
C ALA A 361 13.87 13.41 -12.04
N TYR A 362 12.74 12.71 -12.11
CA TYR A 362 12.40 11.77 -11.05
C TYR A 362 13.34 10.58 -11.05
N ARG A 363 13.60 10.01 -12.22
CA ARG A 363 14.50 8.86 -12.30
C ARG A 363 15.90 9.22 -11.87
N ASN A 364 16.31 10.48 -12.07
CA ASN A 364 17.66 10.92 -11.74
C ASN A 364 17.74 11.71 -10.44
N ASN A 365 16.76 11.53 -9.54
CA ASN A 365 16.75 12.11 -8.20
C ASN A 365 16.83 13.64 -8.20
N LYS A 366 16.61 14.29 -9.33
CA LYS A 366 16.68 15.74 -9.43
C LYS A 366 15.32 16.41 -9.24
N LEU A 367 14.46 15.84 -8.39
CA LEU A 367 13.11 16.35 -8.18
C LEU A 367 12.94 16.70 -6.71
N ILE A 368 12.41 17.88 -6.43
CA ILE A 368 12.22 18.33 -5.06
C ILE A 368 11.09 17.52 -4.42
N ILE A 369 11.36 17.00 -3.21
CA ILE A 369 10.38 16.23 -2.47
C ILE A 369 10.25 16.84 -1.08
N VAL A 370 9.06 17.36 -0.77
CA VAL A 370 8.74 17.83 0.57
C VAL A 370 8.12 16.67 1.33
N PRO A 371 8.84 16.02 2.23
CA PRO A 371 8.32 14.80 2.86
C PRO A 371 7.10 15.09 3.72
N GLY A 372 6.19 14.12 3.74
CA GLY A 372 4.99 14.24 4.54
C GLY A 372 5.20 13.77 5.98
N GLY A 373 4.20 14.05 6.80
CA GLY A 373 4.27 13.68 8.21
C GLY A 373 3.07 14.18 9.00
N GLY A 374 2.73 13.47 10.07
CA GLY A 374 1.62 13.87 10.91
C GLY A 374 0.27 13.80 10.25
N GLY A 375 0.15 13.05 9.14
CA GLY A 375 -1.11 12.91 8.45
C GLY A 375 -1.21 13.67 7.14
N LYS A 376 -0.15 14.38 6.73
CA LYS A 376 -0.14 15.12 5.48
C LYS A 376 0.75 14.41 4.46
N TYR A 377 0.27 14.32 3.23
CA TYR A 377 1.02 13.65 2.19
C TYR A 377 2.23 14.48 1.77
N GLY A 378 3.26 13.79 1.29
CA GLY A 378 4.40 14.49 0.75
C GLY A 378 4.08 15.16 -0.57
N GLU A 379 4.77 16.27 -0.83
CA GLU A 379 4.56 17.06 -2.02
C GLU A 379 5.74 16.88 -2.97
N ILE A 380 5.46 16.93 -4.27
CA ILE A 380 6.46 16.76 -5.30
C ILE A 380 6.53 18.04 -6.14
N ARG A 381 7.73 18.59 -6.28
CA ARG A 381 7.96 19.81 -7.04
C ARG A 381 9.13 19.59 -7.97
N ILE A 382 9.19 20.40 -9.03
CA ILE A 382 10.21 20.29 -10.07
C ILE A 382 10.91 21.62 -10.19
N PRO A 383 12.24 21.66 -10.23
CA PRO A 383 12.95 22.92 -10.44
C PRO A 383 12.58 23.53 -11.79
N GLU A 384 12.72 24.85 -11.88
CA GLU A 384 12.32 25.56 -13.09
C GLU A 384 13.28 25.27 -14.25
N GLU A 385 14.58 25.13 -13.94
CA GLU A 385 15.57 24.87 -14.98
C GLU A 385 15.36 23.53 -15.68
N ILE A 386 14.69 22.59 -15.02
CA ILE A 386 14.38 21.32 -15.67
C ILE A 386 13.37 21.54 -16.80
N LEU A 387 12.29 22.27 -16.50
CA LEU A 387 11.28 22.53 -17.53
C LEU A 387 11.78 23.49 -18.60
N LYS A 388 12.63 24.45 -18.24
CA LYS A 388 13.11 25.41 -19.22
C LYS A 388 14.10 24.79 -20.19
N ALA A 389 14.94 23.86 -19.74
CA ALA A 389 15.94 23.27 -20.60
C ALA A 389 15.31 22.27 -21.56
N LYS A 390 16.07 21.95 -22.62
CA LYS A 390 15.63 20.96 -23.59
C LYS A 390 15.98 19.56 -23.11
N ILE A 391 15.43 18.55 -23.80
CA ILE A 391 15.61 17.17 -23.37
C ILE A 391 17.05 16.71 -23.58
N GLU A 392 17.62 17.02 -24.75
CA GLU A 392 18.97 16.55 -25.07
C GLU A 392 20.03 17.16 -24.16
N ASP A 393 19.72 18.25 -23.46
CA ASP A 393 20.70 18.93 -22.62
C ASP A 393 20.71 18.42 -21.18
N LEU A 394 19.75 17.59 -20.79
CA LEU A 394 19.67 17.15 -19.40
C LEU A 394 20.88 16.31 -19.00
N ASN A 395 21.34 15.45 -19.90
CA ASN A 395 22.50 14.60 -19.61
C ASN A 395 23.53 14.67 -20.73
N1 BRU B 16 -16.25 3.99 16.62
C2 BRU B 16 -15.02 4.28 16.02
N3 BRU B 16 -14.78 5.55 15.63
C4 BRU B 16 -15.71 6.54 15.77
C5 BRU B 16 -16.98 6.21 16.43
C6 BRU B 16 -17.20 4.90 16.80
O2 BRU B 16 -14.16 3.38 15.90
O4 BRU B 16 -15.59 7.72 15.43
BR BRU B 16 -18.36 7.48 16.65
C1' BRU B 16 -16.43 2.63 17.03
C2' BRU B 16 -17.27 2.50 18.29
C3' BRU B 16 -17.40 0.99 18.24
C4' BRU B 16 -17.60 0.70 16.77
O3' BRU B 16 -16.10 0.53 18.58
O4' BRU B 16 -17.06 1.82 16.06
C5' BRU B 16 -19.07 0.58 16.41
O5' BRU B 16 -19.74 1.84 16.45
P BRU B 16 -21.33 1.74 16.50
OP1 BRU B 16 -21.69 0.31 16.72
OP2 BRU B 16 -21.85 2.78 17.41
ZN ZN D . -5.45 0.01 8.60
ZN ZN E . 0.71 21.93 15.35
MG MG F . 6.19 2.81 0.23
C1 EDO G . 1.30 11.23 -2.90
O1 EDO G . 1.70 11.81 -4.15
C2 EDO G . -0.23 11.29 -2.78
O2 EDO G . -0.82 10.45 -3.78
C1 EDO H . 4.88 -25.26 1.84
O1 EDO H . 3.92 -24.73 0.92
C2 EDO H . 6.11 -25.73 1.08
O2 EDO H . 7.09 -26.23 2.00
C1 EDO I . 10.64 -2.85 -14.00
O1 EDO I . 9.30 -2.38 -14.15
C2 EDO I . 11.42 -1.87 -13.13
O2 EDO I . 12.82 -2.02 -13.37
C1 EDO J . 6.79 -13.09 14.67
O1 EDO J . 6.19 -13.85 15.72
C2 EDO J . 7.44 -14.03 13.65
O2 EDO J . 6.46 -14.86 13.03
#